data_4PZ4
#
_entry.id   4PZ4
#
_cell.length_a   70.271
_cell.length_b   70.271
_cell.length_c   286.458
_cell.angle_alpha   90.000
_cell.angle_beta   90.000
_cell.angle_gamma   120.000
#
_symmetry.space_group_name_H-M   'P 61 2 2'
#
loop_
_entity.id
_entity.type
_entity.pdbx_description
1 polymer 'CD44 antigen'
2 non-polymer 'SULFATE ION'
3 non-polymer DI(HYDROXYETHYL)ETHER
4 non-polymer GLYCEROL
5 non-polymer 1,2-ETHANEDIOL
6 non-polymer 'DIMETHYL SULFOXIDE'
7 water water
#
_entity_poly.entity_id   1
_entity_poly.type   'polypeptide(L)'
_entity_poly.pdbx_seq_one_letter_code
;AMAQIDLNITCRFAGVFHVEKNGRYSISRTEAADLCKAFNSTLPTMAQMEKALSIGFETCRYGFIEGHVVIPRIHPNSIC
AANNTGVYILTSNTSQYDTYCFNASAPPEEDCTSVTDLPNAFDGPITITIVNRDGTRYVQKGEYRTNPEDIYPS
;
_entity_poly.pdbx_strand_id   A,B
#
loop_
_chem_comp.id
_chem_comp.type
_chem_comp.name
_chem_comp.formula
DMS non-polymer 'DIMETHYL SULFOXIDE' 'C2 H6 O S'
EDO non-polymer 1,2-ETHANEDIOL 'C2 H6 O2'
GOL non-polymer GLYCEROL 'C3 H8 O3'
PEG non-polymer DI(HYDROXYETHYL)ETHER 'C4 H10 O3'
SO4 non-polymer 'SULFATE ION' 'O4 S -2'
#
# COMPACT_ATOMS: atom_id res chain seq x y z
N ALA A 1 1.07 8.05 -19.56
CA ALA A 1 0.95 6.95 -18.55
C ALA A 1 2.33 6.57 -18.02
N MET A 2 2.38 6.15 -16.77
CA MET A 2 3.65 5.68 -16.24
C MET A 2 4.06 4.37 -16.89
N ALA A 3 5.35 4.21 -17.14
CA ALA A 3 5.83 3.03 -17.85
C ALA A 3 6.07 1.79 -16.98
N GLN A 4 5.71 1.85 -15.69
CA GLN A 4 5.92 0.71 -14.78
C GLN A 4 4.71 0.59 -13.88
N ILE A 5 4.33 -0.66 -13.61
CA ILE A 5 3.25 -0.98 -12.65
C ILE A 5 3.76 -2.05 -11.70
N ASP A 6 3.55 -1.83 -10.39
CA ASP A 6 3.88 -2.83 -9.39
C ASP A 6 2.61 -3.49 -8.86
N LEU A 7 2.60 -4.81 -8.80
CA LEU A 7 1.44 -5.58 -8.30
C LEU A 7 1.87 -6.45 -7.12
N ASN A 8 1.22 -6.29 -5.97
CA ASN A 8 1.50 -7.14 -4.82
C ASN A 8 0.35 -8.12 -4.70
N ILE A 9 0.63 -9.41 -4.66
CA ILE A 9 -0.40 -10.43 -4.71
C ILE A 9 -0.32 -11.33 -3.48
N THR A 10 -1.47 -11.76 -2.96
CA THR A 10 -1.52 -12.68 -1.83
C THR A 10 -1.50 -14.15 -2.26
N CYS A 11 -1.37 -15.05 -1.28
CA CYS A 11 -1.68 -16.46 -1.52
C CYS A 11 -3.15 -16.61 -1.91
N ARG A 12 -3.50 -17.74 -2.53
CA ARG A 12 -4.87 -18.03 -2.96
C ARG A 12 -5.55 -18.88 -1.91
N PHE A 13 -6.80 -18.53 -1.59
CA PHE A 13 -7.60 -19.30 -0.63
C PHE A 13 -8.86 -19.68 -1.35
N ALA A 14 -9.05 -21.00 -1.57
CA ALA A 14 -10.14 -21.44 -2.43
C ALA A 14 -10.19 -20.64 -3.73
N GLY A 15 -9.01 -20.37 -4.30
CA GLY A 15 -8.90 -19.68 -5.59
C GLY A 15 -8.90 -18.16 -5.52
N VAL A 16 -9.30 -17.62 -4.36
CA VAL A 16 -9.40 -16.17 -4.23
C VAL A 16 -8.09 -15.55 -3.76
N PHE A 17 -7.72 -14.42 -4.37
CA PHE A 17 -6.55 -13.68 -3.94
C PHE A 17 -6.79 -12.19 -4.05
N HIS A 18 -5.94 -11.43 -3.38
CA HIS A 18 -5.99 -9.98 -3.37
C HIS A 18 -4.82 -9.45 -4.18
N VAL A 19 -5.10 -8.44 -4.98
CA VAL A 19 -4.04 -7.73 -5.75
C VAL A 19 -4.11 -6.22 -5.44
N GLU A 20 -2.98 -5.63 -5.06
CA GLU A 20 -2.89 -4.19 -4.80
C GLU A 20 -1.89 -3.64 -5.82
N LYS A 21 -2.25 -2.55 -6.47
CA LYS A 21 -1.41 -1.88 -7.47
C LYS A 21 -0.70 -0.69 -6.88
N ASN A 22 0.62 -0.66 -7.04
CA ASN A 22 1.40 0.53 -6.72
C ASN A 22 1.38 0.97 -5.25
N GLY A 23 1.06 0.01 -4.38
CA GLY A 23 1.07 0.27 -2.93
C GLY A 23 0.02 1.23 -2.42
N ARG A 24 -1.03 1.48 -3.21
CA ARG A 24 -2.08 2.39 -2.79
C ARG A 24 -3.37 2.02 -3.52
N TYR A 25 -4.50 2.57 -3.07
CA TYR A 25 -5.73 2.30 -3.79
C TYR A 25 -5.70 2.94 -5.17
N SER A 26 -5.69 2.13 -6.21
CA SER A 26 -5.44 2.70 -7.56
C SER A 26 -6.10 1.92 -8.71
N ILE A 27 -7.01 1.01 -8.39
CA ILE A 27 -7.64 0.17 -9.42
C ILE A 27 -9.11 0.53 -9.57
N SER A 28 -9.51 0.89 -10.77
CA SER A 28 -10.92 1.17 -11.07
C SER A 28 -11.65 -0.15 -11.33
N ARG A 29 -12.99 -0.10 -11.41
N ARG A 29 -12.98 -0.06 -11.43
CA ARG A 29 -13.75 -1.33 -11.64
CA ARG A 29 -13.80 -1.23 -11.66
C ARG A 29 -13.41 -2.00 -12.98
C ARG A 29 -13.42 -1.97 -12.97
N THR A 30 -13.20 -1.19 -14.03
CA THR A 30 -12.84 -1.73 -15.33
C THR A 30 -11.43 -2.30 -15.30
N GLU A 31 -10.52 -1.59 -14.61
CA GLU A 31 -9.14 -2.11 -14.50
C GLU A 31 -9.12 -3.43 -13.73
N ALA A 32 -9.96 -3.52 -12.68
CA ALA A 32 -10.01 -4.71 -11.84
C ALA A 32 -10.35 -5.96 -12.68
N ALA A 33 -11.40 -5.86 -13.49
CA ALA A 33 -11.81 -6.99 -14.33
C ALA A 33 -10.71 -7.41 -15.29
N ASP A 34 -10.05 -6.42 -15.88
CA ASP A 34 -8.91 -6.70 -16.80
C ASP A 34 -7.70 -7.32 -16.11
N LEU A 35 -7.40 -6.85 -14.90
CA LEU A 35 -6.30 -7.40 -14.15
C LEU A 35 -6.57 -8.88 -13.82
N CYS A 36 -7.78 -9.20 -13.35
CA CYS A 36 -8.10 -10.58 -13.09
C CYS A 36 -8.01 -11.43 -14.36
N LYS A 37 -8.50 -10.91 -15.48
CA LYS A 37 -8.41 -11.61 -16.76
C LYS A 37 -6.96 -11.91 -17.12
N ALA A 38 -6.07 -10.95 -16.86
CA ALA A 38 -4.64 -11.17 -17.15
C ALA A 38 -4.00 -12.26 -16.26
N PHE A 39 -4.60 -12.52 -15.09
CA PHE A 39 -4.23 -13.65 -14.26
C PHE A 39 -5.03 -14.94 -14.55
N ASN A 40 -5.66 -15.01 -15.73
N ASN A 40 -5.68 -14.99 -15.71
CA ASN A 40 -6.57 -16.11 -16.10
CA ASN A 40 -6.55 -16.12 -16.08
C ASN A 40 -7.55 -16.35 -14.94
C ASN A 40 -7.63 -16.34 -15.04
N SER A 41 -8.10 -15.24 -14.46
CA SER A 41 -9.01 -15.25 -13.32
C SER A 41 -10.20 -14.34 -13.60
N THR A 42 -11.15 -14.32 -12.66
CA THR A 42 -12.36 -13.52 -12.77
C THR A 42 -12.56 -12.80 -11.44
N LEU A 43 -13.35 -11.74 -11.44
CA LEU A 43 -13.75 -11.11 -10.18
C LEU A 43 -14.51 -12.15 -9.36
N PRO A 44 -14.16 -12.36 -8.08
CA PRO A 44 -14.89 -13.38 -7.28
C PRO A 44 -16.35 -13.02 -7.11
N THR A 45 -17.19 -14.03 -7.06
CA THR A 45 -18.53 -13.75 -6.60
C THR A 45 -18.54 -13.62 -5.09
N MET A 46 -19.65 -13.10 -4.54
CA MET A 46 -19.78 -13.04 -3.11
C MET A 46 -19.66 -14.43 -2.52
N ALA A 47 -20.27 -15.42 -3.16
CA ALA A 47 -20.18 -16.77 -2.64
C ALA A 47 -18.73 -17.29 -2.60
N GLN A 48 -17.97 -16.95 -3.63
CA GLN A 48 -16.55 -17.35 -3.65
C GLN A 48 -15.76 -16.67 -2.55
N MET A 49 -16.08 -15.41 -2.27
N MET A 49 -16.08 -15.40 -2.27
CA MET A 49 -15.41 -14.71 -1.20
CA MET A 49 -15.44 -14.69 -1.17
C MET A 49 -15.78 -15.31 0.18
C MET A 49 -15.78 -15.34 0.16
N GLU A 50 -17.04 -15.72 0.35
CA GLU A 50 -17.45 -16.40 1.58
C GLU A 50 -16.71 -17.70 1.79
N LYS A 51 -16.49 -18.45 0.71
CA LYS A 51 -15.75 -19.71 0.80
C LYS A 51 -14.29 -19.45 1.21
N ALA A 52 -13.66 -18.45 0.59
CA ALA A 52 -12.30 -18.09 0.96
C ALA A 52 -12.21 -17.66 2.42
N LEU A 53 -13.16 -16.85 2.87
CA LEU A 53 -13.19 -16.41 4.26
C LEU A 53 -13.24 -17.60 5.22
N SER A 54 -14.02 -18.61 4.83
CA SER A 54 -14.28 -19.75 5.70
C SER A 54 -13.05 -20.59 5.94
N ILE A 55 -12.03 -20.43 5.09
CA ILE A 55 -10.77 -21.17 5.23
C ILE A 55 -9.56 -20.29 5.59
N GLY A 56 -9.85 -19.05 5.99
CA GLY A 56 -8.82 -18.23 6.54
C GLY A 56 -8.43 -16.96 5.78
N PHE A 57 -9.11 -16.65 4.68
CA PHE A 57 -8.78 -15.44 3.91
C PHE A 57 -9.30 -14.16 4.58
N GLU A 58 -8.40 -13.25 4.88
CA GLU A 58 -8.81 -11.91 5.26
C GLU A 58 -7.73 -10.92 4.87
N THR A 59 -8.16 -9.68 4.68
CA THR A 59 -7.26 -8.58 4.42
C THR A 59 -7.73 -7.35 5.16
N CYS A 60 -6.93 -6.29 5.12
CA CYS A 60 -7.38 -5.03 5.71
C CYS A 60 -7.60 -4.00 4.58
N ARG A 61 -7.96 -4.49 3.40
CA ARG A 61 -8.05 -3.62 2.22
C ARG A 61 -9.38 -3.83 1.48
N TYR A 62 -9.95 -2.72 1.04
CA TYR A 62 -11.15 -2.78 0.21
C TYR A 62 -10.77 -3.14 -1.20
N GLY A 63 -11.58 -3.98 -1.84
CA GLY A 63 -11.31 -4.33 -3.25
C GLY A 63 -12.54 -4.83 -3.99
N PHE A 64 -12.49 -4.67 -5.31
CA PHE A 64 -13.61 -5.12 -6.16
C PHE A 64 -13.84 -6.63 -6.14
N ILE A 65 -15.11 -7.00 -6.10
CA ILE A 65 -15.57 -8.33 -6.50
C ILE A 65 -16.67 -8.13 -7.54
N GLU A 66 -17.30 -9.21 -7.98
CA GLU A 66 -18.45 -9.11 -8.91
C GLU A 66 -19.61 -8.37 -8.20
N GLY A 67 -19.84 -7.14 -8.61
CA GLY A 67 -20.95 -6.34 -8.13
C GLY A 67 -20.78 -5.52 -6.86
N HIS A 68 -19.60 -5.55 -6.24
CA HIS A 68 -19.40 -4.90 -4.91
C HIS A 68 -17.95 -4.52 -4.71
N VAL A 69 -17.72 -3.67 -3.71
CA VAL A 69 -16.40 -3.44 -3.09
C VAL A 69 -16.50 -4.02 -1.69
N VAL A 70 -15.55 -4.89 -1.33
CA VAL A 70 -15.65 -5.59 -0.03
C VAL A 70 -14.32 -5.64 0.69
N ILE A 71 -14.38 -6.03 1.96
CA ILE A 71 -13.18 -6.35 2.75
C ILE A 71 -13.51 -7.61 3.56
N PRO A 72 -12.77 -8.71 3.35
CA PRO A 72 -13.03 -9.95 4.11
C PRO A 72 -12.36 -9.90 5.48
N ARG A 73 -13.15 -10.09 6.54
CA ARG A 73 -12.64 -10.00 7.90
C ARG A 73 -13.02 -11.19 8.74
N ILE A 74 -12.03 -11.79 9.39
CA ILE A 74 -12.25 -12.92 10.30
C ILE A 74 -12.04 -12.47 11.72
N HIS A 75 -10.91 -11.80 11.97
CA HIS A 75 -10.57 -11.37 13.30
C HIS A 75 -10.90 -9.90 13.37
N PRO A 76 -11.65 -9.48 14.39
CA PRO A 76 -11.98 -8.06 14.46
C PRO A 76 -10.74 -7.20 14.68
N ASN A 77 -10.62 -6.11 13.93
CA ASN A 77 -9.52 -5.18 14.12
C ASN A 77 -10.11 -3.79 14.03
N SER A 78 -9.75 -2.94 14.99
CA SER A 78 -10.35 -1.61 15.05
C SER A 78 -10.07 -0.74 13.83
N ILE A 79 -8.99 -1.02 13.08
CA ILE A 79 -8.71 -0.22 11.88
C ILE A 79 -9.00 -0.96 10.56
N CYS A 80 -9.68 -2.11 10.64
CA CYS A 80 -10.09 -2.81 9.43
C CYS A 80 -11.61 -2.94 9.47
N ALA A 81 -12.29 -2.06 8.75
CA ALA A 81 -13.75 -1.97 8.80
C ALA A 81 -14.31 -1.98 10.24
N ALA A 82 -13.65 -1.19 11.10
CA ALA A 82 -14.20 -0.83 12.43
C ALA A 82 -14.65 -2.05 13.25
N ASN A 83 -13.81 -3.07 13.31
CA ASN A 83 -14.04 -4.30 14.10
C ASN A 83 -15.14 -5.22 13.59
N ASN A 84 -15.63 -4.95 12.39
CA ASN A 84 -16.62 -5.82 11.79
C ASN A 84 -16.02 -7.12 11.32
N THR A 85 -16.86 -8.14 11.19
CA THR A 85 -16.39 -9.43 10.65
C THR A 85 -17.36 -9.94 9.58
N GLY A 86 -16.89 -10.81 8.69
CA GLY A 86 -17.66 -11.25 7.56
C GLY A 86 -17.11 -10.67 6.30
N VAL A 87 -17.84 -10.84 5.19
CA VAL A 87 -17.45 -10.16 3.93
C VAL A 87 -18.16 -8.80 3.94
N TYR A 88 -17.46 -7.80 4.42
CA TYR A 88 -18.05 -6.51 4.65
C TYR A 88 -18.14 -5.74 3.36
N ILE A 89 -19.35 -5.27 3.04
CA ILE A 89 -19.62 -4.51 1.83
C ILE A 89 -19.56 -3.02 2.09
N LEU A 90 -18.79 -2.32 1.26
CA LEU A 90 -18.66 -0.87 1.34
C LEU A 90 -19.47 -0.19 0.24
N THR A 91 -20.28 0.80 0.62
CA THR A 91 -20.78 1.85 -0.29
C THR A 91 -20.25 3.27 0.05
N SER A 92 -19.39 3.76 -0.82
CA SER A 92 -18.88 5.12 -0.73
C SER A 92 -19.12 5.83 -2.07
N ASN A 93 -18.47 6.97 -2.29
CA ASN A 93 -18.62 7.67 -3.58
C ASN A 93 -17.32 7.79 -4.39
N THR A 94 -16.28 7.05 -3.98
CA THR A 94 -15.00 7.08 -4.72
C THR A 94 -14.90 5.87 -5.63
N SER A 95 -13.88 5.86 -6.47
N SER A 95 -13.87 5.87 -6.48
CA SER A 95 -13.88 4.85 -7.51
CA SER A 95 -13.82 5.00 -7.65
C SER A 95 -12.80 3.83 -7.33
C SER A 95 -12.63 4.04 -7.70
N GLN A 96 -11.63 4.25 -6.85
CA GLN A 96 -10.46 3.34 -6.92
C GLN A 96 -10.20 2.60 -5.64
N TYR A 97 -10.02 1.29 -5.79
CA TYR A 97 -9.73 0.42 -4.63
C TYR A 97 -8.66 -0.56 -5.05
N ASP A 98 -8.51 -1.64 -4.30
CA ASP A 98 -7.74 -2.79 -4.79
C ASP A 98 -8.67 -3.73 -5.56
N THR A 99 -8.22 -4.93 -5.87
CA THR A 99 -9.14 -5.95 -6.41
C THR A 99 -8.91 -7.32 -5.83
N TYR A 100 -9.98 -8.10 -5.80
CA TYR A 100 -9.88 -9.52 -5.59
C TYR A 100 -10.04 -10.23 -6.92
N CYS A 101 -9.49 -11.42 -7.00
CA CYS A 101 -9.60 -12.26 -8.18
C CYS A 101 -9.80 -13.70 -7.75
N PHE A 102 -10.43 -14.46 -8.65
CA PHE A 102 -10.65 -15.88 -8.44
C PHE A 102 -10.11 -16.71 -9.59
N ASN A 103 -9.26 -17.66 -9.27
CA ASN A 103 -8.71 -18.58 -10.25
C ASN A 103 -9.25 -19.99 -10.07
N ALA A 104 -9.92 -20.48 -11.10
CA ALA A 104 -10.64 -21.76 -11.08
C ALA A 104 -9.71 -22.96 -11.02
N SER A 105 -8.45 -22.77 -11.44
CA SER A 105 -7.44 -23.83 -11.46
C SER A 105 -6.70 -24.01 -10.15
N ALA A 106 -6.86 -23.06 -9.22
CA ALA A 106 -6.20 -23.15 -7.94
C ALA A 106 -6.74 -24.29 -7.09
N PRO A 107 -5.94 -24.80 -6.13
CA PRO A 107 -6.46 -25.86 -5.27
C PRO A 107 -7.48 -25.33 -4.27
N PRO A 108 -8.26 -26.22 -3.63
CA PRO A 108 -9.27 -25.78 -2.67
C PRO A 108 -8.72 -25.08 -1.45
N GLU A 109 -7.49 -25.43 -1.04
CA GLU A 109 -6.93 -24.93 0.20
C GLU A 109 -6.15 -23.63 -0.05
N GLU A 110 -5.30 -23.24 0.90
CA GLU A 110 -4.38 -22.12 0.73
C GLU A 110 -3.21 -22.52 -0.16
N ASP A 111 -2.96 -21.71 -1.18
CA ASP A 111 -1.87 -21.96 -2.12
C ASP A 111 -0.97 -20.73 -2.14
N CYS A 112 0.27 -20.90 -1.69
CA CYS A 112 1.28 -19.83 -1.69
C CYS A 112 2.38 -20.00 -2.74
N THR A 113 2.13 -20.86 -3.72
CA THR A 113 3.04 -21.03 -4.85
C THR A 113 3.36 -19.66 -5.46
N SER A 114 4.64 -19.47 -5.77
N SER A 114 4.64 -19.45 -5.77
CA SER A 114 5.09 -18.24 -6.41
CA SER A 114 5.06 -18.20 -6.40
C SER A 114 4.38 -17.97 -7.74
C SER A 114 4.37 -17.97 -7.73
N VAL A 115 3.80 -16.78 -7.88
CA VAL A 115 3.19 -16.35 -9.14
C VAL A 115 4.31 -15.64 -9.89
N THR A 116 4.63 -16.16 -11.07
CA THR A 116 5.85 -15.73 -11.79
C THR A 116 5.57 -14.80 -12.96
N ASP A 117 4.30 -14.60 -13.31
CA ASP A 117 3.94 -13.72 -14.41
C ASP A 117 2.45 -13.44 -14.41
N LEU A 118 2.03 -12.53 -15.28
CA LEU A 118 0.62 -12.38 -15.66
C LEU A 118 0.48 -13.16 -16.94
N PRO A 119 -0.04 -14.40 -16.85
CA PRO A 119 0.00 -15.34 -17.98
C PRO A 119 -0.79 -14.88 -19.19
N ASN A 120 -1.78 -14.03 -18.98
CA ASN A 120 -2.69 -13.60 -20.02
C ASN A 120 -2.61 -12.09 -20.32
N ALA A 121 -1.49 -11.48 -19.94
CA ALA A 121 -1.18 -10.12 -20.37
C ALA A 121 -0.96 -10.19 -21.87
N PHE A 122 -1.06 -9.05 -22.54
CA PHE A 122 -0.81 -8.98 -23.96
C PHE A 122 0.34 -8.03 -24.24
N ASP A 123 0.65 -7.86 -25.51
CA ASP A 123 1.74 -6.98 -25.84
C ASP A 123 1.57 -5.54 -25.45
N GLY A 124 2.66 -4.96 -24.95
CA GLY A 124 2.61 -3.55 -24.63
C GLY A 124 3.90 -3.09 -23.99
N PRO A 125 3.93 -1.82 -23.58
CA PRO A 125 5.16 -1.15 -23.20
C PRO A 125 5.44 -1.09 -21.69
N ILE A 126 4.55 -1.63 -20.86
CA ILE A 126 4.69 -1.44 -19.42
C ILE A 126 5.56 -2.51 -18.80
N THR A 127 6.48 -2.11 -17.92
CA THR A 127 7.19 -3.08 -17.11
C THR A 127 6.32 -3.37 -15.90
N ILE A 128 5.87 -4.60 -15.82
CA ILE A 128 4.94 -5.02 -14.77
C ILE A 128 5.73 -5.91 -13.83
N THR A 129 5.79 -5.51 -12.56
CA THR A 129 6.49 -6.31 -11.55
C THR A 129 5.46 -6.98 -10.68
N ILE A 130 5.63 -8.28 -10.48
CA ILE A 130 4.81 -9.05 -9.54
C ILE A 130 5.62 -9.29 -8.27
N VAL A 131 5.01 -9.00 -7.13
CA VAL A 131 5.66 -9.21 -5.84
C VAL A 131 4.80 -10.16 -5.03
N ASN A 132 5.38 -11.31 -4.67
CA ASN A 132 4.68 -12.32 -3.88
C ASN A 132 4.91 -12.05 -2.40
N ARG A 133 4.05 -12.62 -1.55
CA ARG A 133 4.15 -12.36 -0.11
C ARG A 133 5.51 -12.81 0.46
N ASP A 134 6.06 -13.90 -0.06
CA ASP A 134 7.35 -14.42 0.39
C ASP A 134 8.54 -13.59 -0.12
N GLY A 135 8.24 -12.53 -0.85
CA GLY A 135 9.27 -11.64 -1.36
C GLY A 135 9.82 -11.96 -2.74
N THR A 136 9.47 -13.12 -3.28
CA THR A 136 9.86 -13.45 -4.66
C THR A 136 9.21 -12.48 -5.63
N ARG A 137 10.01 -11.92 -6.53
CA ARG A 137 9.48 -10.95 -7.47
C ARG A 137 9.99 -11.15 -8.89
N TYR A 138 9.14 -10.79 -9.86
CA TYR A 138 9.31 -11.08 -11.28
C TYR A 138 8.89 -9.88 -12.12
N VAL A 139 9.54 -9.69 -13.27
CA VAL A 139 9.17 -8.60 -14.19
C VAL A 139 8.82 -9.15 -15.56
N GLN A 140 7.89 -8.46 -16.21
CA GLN A 140 7.54 -8.73 -17.60
C GLN A 140 7.18 -7.43 -18.28
N LYS A 141 7.20 -7.44 -19.61
CA LYS A 141 6.85 -6.28 -20.39
C LYS A 141 5.52 -6.61 -21.08
N GLY A 142 4.52 -5.74 -20.92
CA GLY A 142 3.24 -5.93 -21.58
C GLY A 142 2.19 -4.92 -21.18
N GLU A 143 0.94 -5.36 -21.24
CA GLU A 143 -0.19 -4.53 -20.82
C GLU A 143 -1.32 -5.49 -20.47
N TYR A 144 -2.22 -5.03 -19.60
CA TYR A 144 -3.44 -5.80 -19.30
C TYR A 144 -4.70 -4.95 -19.41
N ARG A 145 -4.56 -3.62 -19.41
CA ARG A 145 -5.72 -2.72 -19.46
C ARG A 145 -6.29 -2.63 -20.86
N THR A 146 -7.59 -2.91 -20.97
CA THR A 146 -8.29 -2.83 -22.27
C THR A 146 -9.13 -1.56 -22.41
N ASN A 147 -9.33 -0.82 -21.32
CA ASN A 147 -10.10 0.42 -21.31
C ASN A 147 -9.19 1.65 -21.42
N PRO A 148 -9.22 2.32 -22.59
CA PRO A 148 -8.31 3.48 -22.74
C PRO A 148 -8.47 4.55 -21.66
N GLU A 149 -9.64 4.64 -21.07
CA GLU A 149 -9.83 5.59 -19.99
C GLU A 149 -9.01 5.25 -18.71
N ASP A 150 -8.68 3.97 -18.52
CA ASP A 150 -7.83 3.56 -17.40
C ASP A 150 -6.36 3.90 -17.65
N ILE A 151 -5.95 3.86 -18.92
CA ILE A 151 -4.56 4.12 -19.27
C ILE A 151 -4.30 5.60 -19.47
N TYR A 152 -5.19 6.24 -20.25
CA TYR A 152 -5.07 7.64 -20.66
C TYR A 152 -6.38 8.34 -20.34
N PRO A 153 -6.57 8.73 -19.06
CA PRO A 153 -7.82 9.39 -18.67
C PRO A 153 -8.04 10.70 -19.41
N SER A 154 -9.27 10.91 -19.89
CA SER A 154 -9.65 12.19 -20.49
C SER A 154 -10.57 12.95 -19.53
N ALA B 3 15.31 -9.72 3.87
N ALA B 3 16.98 -9.45 2.79
CA ALA B 3 14.45 -9.32 2.72
CA ALA B 3 16.36 -9.45 1.45
C ALA B 3 14.61 -7.86 2.35
C ALA B 3 16.06 -8.03 1.01
N GLN B 4 14.78 -7.60 1.05
CA GLN B 4 14.43 -6.32 0.44
C GLN B 4 13.38 -5.46 1.18
N ILE B 5 13.65 -4.16 1.23
CA ILE B 5 12.72 -3.20 1.83
C ILE B 5 12.35 -2.17 0.79
N ASP B 6 11.05 -2.05 0.50
CA ASP B 6 10.57 -1.06 -0.46
C ASP B 6 9.90 0.08 0.24
N LEU B 7 10.32 1.29 -0.03
CA LEU B 7 9.78 2.50 0.59
C LEU B 7 9.05 3.32 -0.47
N ASN B 8 7.80 3.66 -0.20
CA ASN B 8 7.02 4.53 -1.11
C ASN B 8 6.84 5.82 -0.36
N ILE B 9 7.32 6.93 -0.92
N ILE B 9 7.21 6.93 -0.99
CA ILE B 9 7.20 8.19 -0.22
CA ILE B 9 7.35 8.21 -0.29
C ILE B 9 6.36 9.20 -0.98
C ILE B 9 6.63 9.38 -1.00
N THR B 10 5.88 10.20 -0.24
CA THR B 10 5.13 11.33 -0.83
C THR B 10 6.02 12.53 -1.10
N CYS B 11 5.46 13.49 -1.84
CA CYS B 11 6.03 14.83 -1.83
C CYS B 11 6.08 15.38 -0.41
N ARG B 12 6.92 16.39 -0.20
CA ARG B 12 7.01 17.05 1.11
C ARG B 12 6.14 18.28 1.15
N PHE B 13 5.43 18.45 2.27
CA PHE B 13 4.57 19.61 2.49
C PHE B 13 5.02 20.29 3.76
N ALA B 14 5.62 21.47 3.62
CA ALA B 14 6.26 22.16 4.75
C ALA B 14 7.17 21.19 5.48
N GLY B 15 7.94 20.42 4.71
CA GLY B 15 8.90 19.49 5.28
C GLY B 15 8.36 18.12 5.67
N VAL B 16 7.04 18.00 5.77
CA VAL B 16 6.42 16.73 6.19
C VAL B 16 6.14 15.78 5.00
N PHE B 17 6.48 14.49 5.16
CA PHE B 17 6.17 13.50 4.14
C PHE B 17 5.74 12.19 4.82
N HIS B 18 5.03 11.38 4.06
CA HIS B 18 4.56 10.06 4.46
C HIS B 18 5.45 8.98 3.82
N VAL B 19 5.79 7.96 4.62
CA VAL B 19 6.57 6.84 4.12
C VAL B 19 5.84 5.56 4.46
N GLU B 20 5.63 4.74 3.45
CA GLU B 20 5.04 3.40 3.62
C GLU B 20 6.05 2.32 3.23
N LYS B 21 6.16 1.29 4.06
CA LYS B 21 7.11 0.20 3.82
C LYS B 21 6.40 -1.04 3.27
N ASN B 22 6.90 -1.53 2.13
CA ASN B 22 6.47 -2.81 1.60
C ASN B 22 5.00 -2.89 1.22
N GLY B 23 4.38 -1.74 0.99
CA GLY B 23 2.99 -1.70 0.50
C GLY B 23 1.97 -2.14 1.53
N ARG B 24 2.33 -2.14 2.80
N ARG B 24 2.35 -2.18 2.80
CA ARG B 24 1.40 -2.55 3.87
CA ARG B 24 1.45 -2.58 3.89
C ARG B 24 1.87 -1.97 5.19
C ARG B 24 1.80 -1.77 5.14
N TYR B 25 0.98 -1.89 6.18
CA TYR B 25 1.34 -1.33 7.49
C TYR B 25 2.39 -2.25 8.09
N SER B 26 3.61 -1.72 8.24
CA SER B 26 4.69 -2.57 8.67
C SER B 26 5.79 -1.85 9.43
N ILE B 27 5.52 -0.62 9.87
CA ILE B 27 6.54 0.20 10.55
C ILE B 27 6.18 0.35 12.03
N SER B 28 7.06 -0.16 12.90
CA SER B 28 6.89 0.04 14.35
C SER B 28 7.32 1.44 14.80
N ARG B 29 7.05 1.79 16.05
CA ARG B 29 7.42 3.09 16.56
C ARG B 29 8.95 3.30 16.46
N THR B 30 9.72 2.28 16.82
CA THR B 30 11.19 2.43 16.76
C THR B 30 11.70 2.44 15.33
N GLU B 31 11.09 1.62 14.46
CA GLU B 31 11.52 1.63 13.05
C GLU B 31 11.19 2.99 12.40
N ALA B 32 10.08 3.59 12.83
CA ALA B 32 9.66 4.88 12.30
C ALA B 32 10.75 5.92 12.57
N ALA B 33 11.23 5.98 13.80
CA ALA B 33 12.28 6.94 14.13
C ALA B 33 13.55 6.63 13.37
N ASP B 34 13.91 5.35 13.26
CA ASP B 34 15.11 4.98 12.47
C ASP B 34 14.94 5.42 11.02
N LEU B 35 13.76 5.22 10.45
CA LEU B 35 13.54 5.56 9.06
C LEU B 35 13.66 7.06 8.86
N CYS B 36 13.03 7.85 9.73
CA CYS B 36 13.14 9.31 9.58
C CYS B 36 14.60 9.75 9.70
N LYS B 37 15.31 9.18 10.67
CA LYS B 37 16.75 9.50 10.83
C LYS B 37 17.55 9.23 9.56
N ALA B 38 17.24 8.10 8.91
CA ALA B 38 17.94 7.73 7.66
C ALA B 38 17.63 8.68 6.49
N PHE B 39 16.51 9.40 6.60
CA PHE B 39 16.14 10.49 5.67
C PHE B 39 16.60 11.85 6.18
N ASN B 40 17.51 11.90 7.17
CA ASN B 40 17.92 13.16 7.80
C ASN B 40 16.74 14.00 8.30
N SER B 41 15.76 13.29 8.88
CA SER B 41 14.48 13.86 9.26
C SER B 41 14.12 13.40 10.68
N THR B 42 13.03 13.92 11.22
CA THR B 42 12.58 13.57 12.57
C THR B 42 11.11 13.24 12.51
N LEU B 43 10.60 12.56 13.53
CA LEU B 43 9.15 12.39 13.60
C LEU B 43 8.50 13.78 13.76
N PRO B 44 7.46 14.09 12.95
CA PRO B 44 6.89 15.44 13.05
C PRO B 44 6.22 15.73 14.38
N THR B 45 6.25 17.00 14.79
CA THR B 45 5.39 17.45 15.87
C THR B 45 3.96 17.65 15.36
N MET B 46 3.02 17.74 16.28
CA MET B 46 1.67 18.08 15.88
C MET B 46 1.61 19.40 15.12
N ALA B 47 2.35 20.40 15.59
CA ALA B 47 2.39 21.69 14.90
C ALA B 47 2.89 21.55 13.48
N GLN B 48 3.93 20.73 13.28
CA GLN B 48 4.43 20.48 11.93
C GLN B 48 3.39 19.83 11.00
N MET B 49 2.64 18.87 11.55
N MET B 49 2.64 18.87 11.55
CA MET B 49 1.58 18.21 10.80
CA MET B 49 1.62 18.18 10.78
C MET B 49 0.46 19.18 10.44
C MET B 49 0.45 19.11 10.43
N GLU B 50 0.09 20.01 11.42
N GLU B 50 0.07 19.97 11.37
CA GLU B 50 -0.93 21.03 11.20
CA GLU B 50 -0.96 20.98 11.10
C GLU B 50 -0.55 21.99 10.06
C GLU B 50 -0.53 21.91 9.97
N LYS B 51 0.72 22.36 10.00
CA LYS B 51 1.23 23.22 8.93
C LYS B 51 1.17 22.53 7.56
N ALA B 52 1.58 21.25 7.50
CA ALA B 52 1.50 20.49 6.26
C ALA B 52 0.05 20.42 5.79
N LEU B 53 -0.84 20.09 6.71
CA LEU B 53 -2.26 20.01 6.39
C LEU B 53 -2.76 21.32 5.76
N SER B 54 -2.34 22.43 6.36
CA SER B 54 -2.83 23.75 5.95
C SER B 54 -2.46 24.09 4.50
N ILE B 55 -1.41 23.45 3.96
CA ILE B 55 -1.06 23.64 2.55
C ILE B 55 -1.40 22.48 1.59
N GLY B 56 -2.24 21.55 2.04
CA GLY B 56 -2.75 20.52 1.15
C GLY B 56 -2.32 19.09 1.41
N PHE B 57 -1.61 18.85 2.51
CA PHE B 57 -1.16 17.47 2.82
C PHE B 57 -2.32 16.65 3.39
N GLU B 58 -2.57 15.52 2.73
CA GLU B 58 -3.59 14.58 3.14
C GLU B 58 -3.17 13.16 2.73
N THR B 59 -3.46 12.19 3.60
CA THR B 59 -3.31 10.79 3.23
C THR B 59 -4.52 10.05 3.73
N CYS B 60 -4.60 8.78 3.40
CA CYS B 60 -5.59 7.92 4.02
C CYS B 60 -4.90 6.81 4.83
N ARG B 61 -3.73 7.13 5.38
CA ARG B 61 -2.95 6.10 6.08
C ARG B 61 -2.51 6.55 7.46
N TYR B 62 -2.66 5.66 8.45
CA TYR B 62 -2.17 5.95 9.80
C TYR B 62 -0.67 5.95 9.81
N GLY B 63 -0.09 6.95 10.48
CA GLY B 63 1.37 6.92 10.63
C GLY B 63 1.83 7.60 11.88
N PHE B 64 3.01 7.19 12.36
CA PHE B 64 3.61 7.78 13.54
C PHE B 64 4.00 9.23 13.33
N ILE B 65 3.73 10.03 14.35
CA ILE B 65 4.44 11.31 14.52
C ILE B 65 4.99 11.27 15.96
N GLU B 66 5.57 12.38 16.40
N GLU B 66 5.57 12.37 16.42
CA GLU B 66 5.99 12.53 17.79
CA GLU B 66 6.02 12.45 17.81
C GLU B 66 4.77 12.43 18.72
C GLU B 66 4.83 12.45 18.77
N GLY B 67 4.73 11.36 19.51
CA GLY B 67 3.69 11.18 20.52
C GLY B 67 2.32 10.67 20.09
N HIS B 68 2.13 10.42 18.80
CA HIS B 68 0.81 10.06 18.28
C HIS B 68 0.88 9.23 17.03
N VAL B 69 -0.26 8.65 16.66
CA VAL B 69 -0.46 8.02 15.36
C VAL B 69 -1.62 8.79 14.74
N VAL B 70 -1.42 9.30 13.52
CA VAL B 70 -2.39 10.24 12.93
C VAL B 70 -2.70 10.01 11.46
N ILE B 71 -3.77 10.65 10.98
CA ILE B 71 -3.99 10.81 9.53
C ILE B 71 -4.40 12.26 9.28
N PRO B 72 -3.69 12.99 8.40
CA PRO B 72 -4.14 14.35 8.05
C PRO B 72 -5.19 14.29 6.95
N ARG B 73 -6.34 14.95 7.19
CA ARG B 73 -7.48 14.92 6.28
C ARG B 73 -7.98 16.29 5.91
N ILE B 74 -8.16 16.50 4.61
CA ILE B 74 -8.74 17.75 4.08
C ILE B 74 -10.18 17.49 3.64
N HIS B 75 -10.40 16.38 2.95
CA HIS B 75 -11.73 16.05 2.41
C HIS B 75 -12.34 14.90 3.19
N PRO B 76 -13.65 14.97 3.51
CA PRO B 76 -14.25 13.84 4.20
C PRO B 76 -14.34 12.61 3.30
N ASN B 77 -13.77 11.49 3.77
CA ASN B 77 -13.86 10.22 3.08
C ASN B 77 -14.22 9.17 4.11
N SER B 78 -15.25 8.36 3.80
CA SER B 78 -15.85 7.45 4.75
C SER B 78 -14.88 6.44 5.32
N ILE B 79 -13.86 6.08 4.56
CA ILE B 79 -12.90 5.06 4.98
C ILE B 79 -11.53 5.64 5.36
N CYS B 80 -11.46 6.96 5.54
CA CYS B 80 -10.24 7.62 6.01
C CYS B 80 -10.59 8.37 7.29
N ALA B 81 -10.08 7.89 8.43
CA ALA B 81 -10.30 8.59 9.71
C ALA B 81 -11.79 8.83 10.00
N ALA B 82 -12.60 7.84 9.68
CA ALA B 82 -14.04 7.86 10.00
C ALA B 82 -14.72 9.16 9.53
N ASN B 83 -14.37 9.60 8.31
CA ASN B 83 -14.95 10.81 7.67
C ASN B 83 -14.57 12.14 8.29
N ASN B 84 -13.62 12.11 9.22
CA ASN B 84 -13.14 13.34 9.84
C ASN B 84 -12.24 14.19 8.95
N THR B 85 -12.20 15.48 9.26
CA THR B 85 -11.19 16.36 8.68
C THR B 85 -10.33 16.89 9.83
N GLY B 86 -9.15 17.40 9.48
CA GLY B 86 -8.16 17.80 10.47
C GLY B 86 -7.07 16.76 10.62
N VAL B 87 -6.24 16.91 11.64
CA VAL B 87 -5.25 15.88 11.97
C VAL B 87 -5.93 14.91 12.93
N TYR B 88 -6.40 13.78 12.39
CA TYR B 88 -7.13 12.80 13.16
C TYR B 88 -6.15 12.02 14.01
N ILE B 89 -6.43 11.92 15.30
CA ILE B 89 -5.55 11.20 16.21
C ILE B 89 -6.16 9.83 16.54
N LEU B 90 -5.45 8.75 16.18
CA LEU B 90 -5.91 7.40 16.43
C LEU B 90 -5.64 7.00 17.87
N THR B 91 -6.62 6.36 18.52
CA THR B 91 -6.33 5.71 19.81
C THR B 91 -5.64 4.41 19.43
N SER B 92 -4.32 4.49 19.28
CA SER B 92 -3.60 3.41 18.58
C SER B 92 -3.49 2.19 19.48
N ASN B 93 -3.82 1.04 18.93
CA ASN B 93 -3.91 -0.18 19.72
C ASN B 93 -2.98 -1.28 19.29
N THR B 94 -2.31 -1.08 18.15
CA THR B 94 -1.45 -2.12 17.61
C THR B 94 -0.07 -1.51 17.29
N SER B 95 0.84 -2.35 16.81
CA SER B 95 2.25 -1.93 16.83
C SER B 95 2.78 -1.37 15.52
N GLN B 96 2.17 -1.69 14.40
CA GLN B 96 2.76 -1.31 13.10
C GLN B 96 1.81 -0.44 12.29
N TYR B 97 2.29 0.73 11.84
CA TYR B 97 1.52 1.58 10.94
C TYR B 97 2.49 2.03 9.84
N ASP B 98 2.29 3.21 9.26
CA ASP B 98 3.30 3.84 8.39
C ASP B 98 4.00 4.88 9.27
N THR B 99 4.79 5.77 8.66
CA THR B 99 5.31 6.87 9.45
C THR B 99 5.22 8.15 8.66
N TYR B 100 5.20 9.27 9.39
CA TYR B 100 5.50 10.57 8.81
C TYR B 100 6.86 11.00 9.26
N CYS B 101 7.47 11.89 8.49
CA CYS B 101 8.79 12.44 8.81
C CYS B 101 8.82 13.90 8.43
N PHE B 102 9.67 14.67 9.12
CA PHE B 102 9.81 16.09 8.88
C PHE B 102 11.28 16.36 8.53
N ASN B 103 11.49 16.97 7.37
CA ASN B 103 12.83 17.39 6.94
C ASN B 103 12.97 18.91 7.03
N ALA B 104 13.90 19.35 7.89
CA ALA B 104 14.11 20.77 8.21
C ALA B 104 14.69 21.56 7.04
N SER B 105 15.34 20.88 6.11
CA SER B 105 15.95 21.54 4.94
C SER B 105 15.00 21.70 3.76
N ALA B 106 13.78 21.18 3.88
CA ALA B 106 12.80 21.27 2.81
C ALA B 106 12.21 22.69 2.71
N PRO B 107 11.77 23.09 1.51
CA PRO B 107 11.09 24.38 1.35
C PRO B 107 9.75 24.45 2.11
N PRO B 108 9.22 25.66 2.35
CA PRO B 108 7.95 25.76 3.08
C PRO B 108 6.75 25.22 2.28
N GLU B 109 6.85 25.21 0.96
CA GLU B 109 5.74 24.82 0.08
C GLU B 109 5.85 23.35 -0.30
N GLU B 110 4.89 22.85 -1.10
CA GLU B 110 4.97 21.48 -1.61
C GLU B 110 6.23 21.25 -2.43
N ASP B 111 6.95 20.17 -2.13
CA ASP B 111 8.20 19.85 -2.82
C ASP B 111 8.14 18.41 -3.35
N CYS B 112 8.08 18.28 -4.67
CA CYS B 112 8.03 16.97 -5.30
C CYS B 112 9.35 16.55 -5.95
N THR B 113 10.45 17.21 -5.54
CA THR B 113 11.80 16.83 -5.96
C THR B 113 12.00 15.34 -5.72
N SER B 114 12.63 14.68 -6.69
CA SER B 114 12.92 13.28 -6.56
C SER B 114 13.87 13.00 -5.38
N VAL B 115 13.49 12.02 -4.55
CA VAL B 115 14.36 11.55 -3.49
C VAL B 115 15.11 10.35 -4.06
N THR B 116 16.43 10.45 -4.11
CA THR B 116 17.24 9.48 -4.86
C THR B 116 17.90 8.39 -4.04
N ASP B 117 17.89 8.54 -2.72
CA ASP B 117 18.47 7.56 -1.81
C ASP B 117 17.99 7.83 -0.38
N LEU B 118 18.27 6.90 0.52
CA LEU B 118 18.25 7.15 1.94
C LEU B 118 19.61 7.71 2.25
N PRO B 119 19.71 9.04 2.44
CA PRO B 119 20.99 9.73 2.54
C PRO B 119 21.81 9.36 3.78
N ASN B 120 21.13 8.92 4.84
CA ASN B 120 21.79 8.66 6.10
C ASN B 120 21.56 7.20 6.55
N ALA B 121 21.41 6.30 5.59
CA ALA B 121 21.49 4.88 5.91
C ALA B 121 22.92 4.51 6.30
N PHE B 122 23.11 3.29 6.80
CA PHE B 122 24.42 2.82 7.14
C PHE B 122 24.70 1.47 6.49
N ASP B 123 25.84 0.85 6.80
CA ASP B 123 26.26 -0.37 6.08
C ASP B 123 25.31 -1.51 6.37
N GLY B 124 25.13 -2.37 5.39
CA GLY B 124 24.30 -3.55 5.56
C GLY B 124 23.97 -4.21 4.26
N PRO B 125 23.29 -5.37 4.34
CA PRO B 125 23.06 -6.26 3.19
C PRO B 125 21.68 -6.13 2.53
N ILE B 126 20.85 -5.21 3.04
CA ILE B 126 19.46 -5.08 2.58
C ILE B 126 19.34 -4.24 1.31
N THR B 127 18.59 -4.76 0.34
CA THR B 127 18.27 -3.97 -0.82
C THR B 127 17.13 -3.03 -0.42
N ILE B 128 17.38 -1.74 -0.46
CA ILE B 128 16.43 -0.72 -0.04
C ILE B 128 16.03 0.08 -1.26
N THR B 129 14.76 0.01 -1.63
CA THR B 129 14.32 0.76 -2.80
C THR B 129 13.49 1.95 -2.38
N ILE B 130 13.54 3.02 -3.19
CA ILE B 130 12.70 4.18 -2.97
C ILE B 130 11.85 4.43 -4.20
N VAL B 131 10.54 4.55 -3.98
CA VAL B 131 9.61 4.91 -5.04
C VAL B 131 9.00 6.26 -4.71
N ASN B 132 9.19 7.22 -5.61
CA ASN B 132 8.58 8.53 -5.50
C ASN B 132 7.25 8.49 -6.26
N ARG B 133 6.37 9.42 -5.95
N ARG B 133 6.39 9.47 -5.98
CA ARG B 133 5.05 9.47 -6.59
CA ARG B 133 5.05 9.52 -6.56
C ARG B 133 5.16 9.55 -8.12
C ARG B 133 5.05 9.74 -8.08
N ASP B 134 6.12 10.33 -8.61
CA ASP B 134 6.29 10.52 -10.07
C ASP B 134 6.72 9.24 -10.80
N GLY B 135 7.09 8.23 -10.02
CA GLY B 135 7.43 6.91 -10.54
C GLY B 135 8.94 6.73 -10.57
N THR B 136 9.68 7.76 -10.20
CA THR B 136 11.13 7.62 -10.13
C THR B 136 11.55 6.66 -9.00
N ARG B 137 12.43 5.74 -9.36
CA ARG B 137 12.74 4.55 -8.56
C ARG B 137 14.24 4.37 -8.40
N TYR B 138 14.67 4.21 -7.16
CA TYR B 138 16.09 4.09 -6.86
C TYR B 138 16.33 2.91 -5.95
N VAL B 139 17.56 2.41 -5.95
N VAL B 139 17.56 2.40 -5.95
CA VAL B 139 17.93 1.29 -5.10
CA VAL B 139 17.91 1.26 -5.10
C VAL B 139 19.28 1.57 -4.44
C VAL B 139 19.31 1.41 -4.51
N GLN B 140 19.46 1.00 -3.25
CA GLN B 140 20.78 0.98 -2.59
C GLN B 140 20.87 -0.27 -1.74
N LYS B 141 22.07 -0.57 -1.25
CA LYS B 141 22.30 -1.67 -0.34
C LYS B 141 22.75 -1.07 0.97
N GLY B 142 22.12 -1.48 2.08
CA GLY B 142 22.54 -0.92 3.35
C GLY B 142 21.58 -1.38 4.43
N GLU B 143 21.46 -0.58 5.47
CA GLU B 143 20.55 -0.85 6.60
C GLU B 143 20.20 0.48 7.21
N TYR B 144 19.04 0.57 7.88
CA TYR B 144 18.69 1.76 8.63
C TYR B 144 18.15 1.40 10.01
N ARG B 145 17.79 0.13 10.19
CA ARG B 145 17.14 -0.26 11.46
C ARG B 145 18.17 -0.50 12.53
N THR B 146 17.89 -0.01 13.73
CA THR B 146 18.78 -0.29 14.86
C THR B 146 18.17 -1.15 15.95
N ASN B 147 16.85 -1.38 15.94
CA ASN B 147 16.24 -2.17 17.01
C ASN B 147 16.19 -3.66 16.63
N PRO B 148 16.96 -4.52 17.31
CA PRO B 148 16.98 -5.94 16.97
C PRO B 148 15.57 -6.53 16.95
N GLU B 149 14.70 -6.04 17.81
N GLU B 149 14.69 -6.05 17.82
CA GLU B 149 13.33 -6.51 17.88
CA GLU B 149 13.31 -6.51 17.88
C GLU B 149 12.55 -6.25 16.58
C GLU B 149 12.58 -6.28 16.55
N ASP B 150 12.91 -5.18 15.86
CA ASP B 150 12.30 -4.89 14.54
C ASP B 150 12.91 -5.75 13.43
N ILE B 151 14.21 -6.03 13.56
CA ILE B 151 14.95 -6.78 12.54
C ILE B 151 14.65 -8.28 12.61
N TYR B 152 14.44 -8.77 13.83
CA TYR B 152 14.20 -10.18 14.10
C TYR B 152 12.89 -10.37 14.88
N PRO B 153 11.75 -10.11 14.22
CA PRO B 153 10.46 -10.23 14.89
C PRO B 153 10.11 -11.68 15.26
N SER B 154 9.19 -11.82 16.21
CA SER B 154 8.56 -13.10 16.64
C SER B 154 9.13 -13.58 17.96
S SO4 C . -4.01 4.37 0.15
O1 SO4 C . -4.51 4.68 -1.19
O2 SO4 C . -5.05 4.75 1.09
O3 SO4 C . -3.62 3.01 0.24
O4 SO4 C . -2.81 5.18 0.44
S SO4 D . -2.97 -17.07 -9.94
O1 SO4 D . -3.17 -15.83 -10.68
O2 SO4 D . -4.22 -17.57 -9.38
O3 SO4 D . -2.38 -18.03 -10.88
O4 SO4 D . -2.05 -16.83 -8.84
S SO4 E . -11.30 -23.83 -5.98
O1 SO4 E . -12.68 -23.63 -6.42
O2 SO4 E . -10.92 -25.24 -6.13
O3 SO4 E . -10.41 -22.98 -6.78
O4 SO4 E . -11.19 -23.49 -4.57
C1 PEG F . -7.18 6.21 -0.80
O1 PEG F . -6.00 6.96 -1.10
C2 PEG F . -8.34 7.13 -0.41
O2 PEG F . -9.48 6.29 -0.27
C3 PEG F . -10.31 6.37 -1.43
C4 PEG F . -10.67 4.97 -1.90
O4 PEG F . -11.39 5.10 -3.13
C1 GOL G . -19.28 -21.10 -5.20
O1 GOL G . -18.41 -20.40 -4.31
C2 GOL G . -19.85 -20.37 -6.43
O2 GOL G . -19.31 -20.92 -7.61
C3 GOL G . -19.72 -18.84 -6.43
O3 GOL G . -20.71 -18.14 -7.18
C1 EDO H . -2.62 -12.67 2.97
O1 EDO H . -3.88 -13.32 2.68
C2 EDO H . -1.47 -13.67 2.93
O2 EDO H . -1.27 -14.17 1.61
C1 EDO I . -3.88 -3.68 10.64
O1 EDO I . -3.44 -3.95 11.97
C2 EDO I . -3.59 -4.85 9.71
O2 EDO I . -2.88 -4.33 8.57
C1 PEG J . 6.05 -1.99 -2.22
O1 PEG J . 6.47 -3.36 -2.32
C2 PEG J . 4.60 -1.86 -2.65
O2 PEG J . 4.50 -1.70 -4.07
C3 PEG J . 4.40 -0.32 -4.43
C4 PEG J . 5.59 0.08 -5.28
O4 PEG J . 5.14 1.07 -6.22
S SO4 K . -2.35 -3.14 5.00
O1 SO4 K . -3.57 -2.95 5.83
O2 SO4 K . -2.64 -4.21 4.04
O3 SO4 K . -2.00 -1.94 4.32
O4 SO4 K . -1.34 -3.59 5.94
S SO4 L . 6.52 8.96 21.35
O1 SO4 L . 7.09 10.29 21.53
O2 SO4 L . 5.39 8.77 22.27
O3 SO4 L . 6.07 8.81 19.97
O4 SO4 L . 7.54 7.94 21.65
C1 PEG M . -1.29 2.58 1.01
O1 PEG M . -0.51 3.64 0.40
C2 PEG M . -0.98 1.14 0.61
O2 PEG M . -1.73 0.20 1.36
C3 PEG M . -1.09 -1.04 1.59
C4 PEG M . -2.08 -2.16 1.84
O4 PEG M . -1.58 -3.51 1.61
S SO4 N . 13.69 14.14 2.15
O1 SO4 N . 12.95 15.35 2.50
O2 SO4 N . 12.80 13.18 1.52
O3 SO4 N . 14.80 14.45 1.26
O4 SO4 N . 14.23 13.56 3.37
C1 EDO O . 24.66 3.59 3.36
O1 EDO O . 26.01 3.51 3.82
C2 EDO O . 24.31 2.35 2.56
O2 EDO O . 23.31 2.63 1.55
C1 EDO P . 16.17 -8.02 7.37
O1 EDO P . 17.07 -9.11 7.50
C2 EDO P . 14.98 -8.31 6.47
O2 EDO P . 14.55 -7.10 5.82
S DMS Q . -11.08 3.37 12.66
O DMS Q . -9.66 3.21 11.60
C1 DMS Q . -10.45 3.61 14.33
C2 DMS Q . -11.75 5.04 12.42
C1 PEG R . 0.14 6.70 19.42
O1 PEG R . -0.99 6.67 20.30
C2 PEG R . 1.44 6.59 20.19
O2 PEG R . 2.54 6.92 19.35
C3 PEG R . 3.79 6.34 19.74
C4 PEG R . 3.64 4.87 20.12
O4 PEG R . 4.96 4.41 20.44
#